data_6M4S
#
_entry.id   6M4S
#
_cell.length_a   41.636
_cell.length_b   91.092
_cell.length_c   52.975
_cell.angle_alpha   90.000
_cell.angle_beta   94.650
_cell.angle_gamma   90.000
#
_symmetry.space_group_name_H-M   'P 1 21 1'
#
loop_
_entity.id
_entity.type
_entity.pdbx_description
1 polymer 'Cytochrome P450 hydroxylase sb21'
2 non-polymer GLYCEROL
3 non-polymer (4S)-2-METHYL-2,4-PENTANEDIOL
4 non-polymer 'CALCIUM ION'
5 non-polymer 'PROTOPORPHYRIN IX CONTAINING FE'
6 water water
#
_entity_poly.entity_id   1
_entity_poly.type   'polypeptide(L)'
_entity_poly.pdbx_seq_one_letter_code
;MDTVNLMDPALMTDPFRGFSRIREEAPIARACFPGQDTPIWLVTRYDDVKTVLGEHRFVNNPASIPGGDIPDLREKLMKA
RGIPDDYVVYLTDGILDLDGDDHLRLRRLVSRAFTARRVMEMRPRVEEISGRLLDALPGDRVVDLVEEYAYPLPITVICE
LVGIPESDRPLWREWGAKMVSLSPGAMAEPVISMVDYIHDLIPRRRAAPADDLLTGLIKAHDDDGDRFTDTELITMVLTL
VLAGHETTAHLIGNGTAALLTHPGQLAMLRARPELMPRAVHELMRWCGPVQGTRVRYAAEDVELGGMTVKRGEAVMAVLV
SANYDPRRFERPDRLDLTREEDGRREVHVGFGHGLHYCLGAALARQEGEVAFAGLLSRFPKLRLAVAPEELERQLMPASW
RLASLPVLLR
;
_entity_poly.pdbx_strand_id   A
#
loop_
_chem_comp.id
_chem_comp.type
_chem_comp.name
_chem_comp.formula
CA non-polymer 'CALCIUM ION' 'Ca 2'
GOL non-polymer GLYCEROL 'C3 H8 O3'
HEM non-polymer 'PROTOPORPHYRIN IX CONTAINING FE' 'C34 H32 Fe N4 O4'
MPD non-polymer (4S)-2-METHYL-2,4-PENTANEDIOL 'C6 H14 O2'
#
# COMPACT_ATOMS: atom_id res chain seq x y z
N VAL A 4 25.88 -10.66 8.44
CA VAL A 4 26.70 -9.69 7.64
C VAL A 4 25.90 -8.46 7.23
N ASN A 5 24.57 -8.49 7.32
CA ASN A 5 23.76 -7.32 7.06
C ASN A 5 22.81 -6.96 8.21
N LEU A 6 22.93 -5.74 8.75
CA LEU A 6 22.17 -5.32 9.93
C LEU A 6 21.23 -4.20 9.57
N MET A 7 19.97 -4.36 9.95
CA MET A 7 18.87 -3.57 9.37
C MET A 7 18.66 -2.12 9.82
N ASP A 8 19.23 -1.67 10.93
CA ASP A 8 18.86 -0.33 11.49
C ASP A 8 19.65 0.97 11.10
N PRO A 9 20.99 0.92 10.98
CA PRO A 9 21.84 2.11 11.22
C PRO A 9 21.58 3.38 10.37
N ALA A 10 21.97 3.35 9.11
CA ALA A 10 21.75 4.45 8.14
C ALA A 10 21.21 3.91 6.79
N LEU A 11 21.02 2.59 6.69
CA LEU A 11 19.99 2.00 5.84
C LEU A 11 18.63 2.71 5.83
N MET A 12 18.10 3.01 7.03
CA MET A 12 16.77 3.64 7.20
C MET A 12 16.72 4.99 6.54
N THR A 13 17.82 5.72 6.63
CA THR A 13 17.86 7.07 6.08
C THR A 13 17.97 7.10 4.60
N ASP A 14 18.75 6.20 4.03
CA ASP A 14 18.86 6.12 2.58
C ASP A 14 18.80 4.66 2.14
N PRO A 15 17.56 4.12 2.13
CA PRO A 15 17.39 2.75 1.72
C PRO A 15 17.65 2.61 0.23
N PHE A 16 17.49 3.68 -0.53
CA PHE A 16 17.70 3.62 -2.00
C PHE A 16 19.20 3.32 -2.30
N ARG A 17 20.11 4.15 -1.80
CA ARG A 17 21.54 3.84 -1.98
C ARG A 17 21.94 2.64 -1.17
N GLY A 18 21.41 2.51 0.04
CA GLY A 18 21.85 1.40 0.93
C GLY A 18 21.52 0.03 0.33
N PHE A 19 20.22 -0.19 0.01
CA PHE A 19 19.87 -1.50 -0.60
C PHE A 19 20.35 -1.69 -2.06
N SER A 20 20.56 -0.60 -2.79
CA SER A 20 21.21 -0.72 -4.10
C SER A 20 22.70 -1.17 -3.98
N ARG A 21 23.42 -0.72 -2.95
CA ARG A 21 24.84 -1.14 -2.84
C ARG A 21 24.89 -2.64 -2.58
N ILE A 22 23.99 -3.09 -1.70
CA ILE A 22 23.81 -4.50 -1.40
C ILE A 22 23.38 -5.29 -2.56
N ARG A 23 22.43 -4.76 -3.36
CA ARG A 23 22.02 -5.46 -4.54
C ARG A 23 23.24 -5.79 -5.42
N GLU A 24 24.10 -4.79 -5.58
CA GLU A 24 25.25 -4.90 -6.48
C GLU A 24 26.36 -5.85 -5.92
N GLU A 25 26.59 -5.81 -4.61
CA GLU A 25 27.71 -6.52 -3.98
C GLU A 25 27.34 -7.85 -3.40
N ALA A 26 26.09 -8.03 -2.95
CA ALA A 26 25.67 -9.22 -2.25
C ALA A 26 24.19 -9.50 -2.48
N PRO A 27 23.86 -9.98 -3.68
CA PRO A 27 22.43 -9.99 -4.06
C PRO A 27 21.59 -10.98 -3.22
N ILE A 28 22.23 -11.99 -2.60
CA ILE A 28 21.58 -12.80 -1.59
C ILE A 28 22.49 -12.67 -0.39
N ALA A 29 22.04 -11.97 0.63
CA ALA A 29 22.79 -11.66 1.83
C ALA A 29 22.03 -12.06 3.08
N ARG A 30 22.75 -12.37 4.13
CA ARG A 30 22.19 -12.56 5.45
C ARG A 30 21.86 -11.23 6.07
N ALA A 31 20.64 -11.12 6.62
CA ALA A 31 20.26 -9.99 7.36
C ALA A 31 20.12 -10.45 8.82
N CYS A 32 20.49 -9.55 9.73
CA CYS A 32 20.58 -9.83 11.16
C CYS A 32 19.65 -8.93 11.93
N PHE A 33 18.70 -9.53 12.62
CA PHE A 33 17.72 -8.81 13.43
C PHE A 33 17.60 -9.42 14.84
N PRO A 34 17.58 -8.57 15.89
CA PRO A 34 17.47 -9.10 17.28
C PRO A 34 16.27 -10.06 17.46
N GLY A 35 16.49 -11.18 18.10
CA GLY A 35 15.38 -12.13 18.30
C GLY A 35 15.06 -12.94 17.05
N GLN A 36 16.03 -13.03 16.16
CA GLN A 36 15.94 -13.82 14.91
C GLN A 36 15.70 -15.31 15.15
N ASP A 37 14.47 -15.76 14.93
CA ASP A 37 14.14 -17.15 15.25
C ASP A 37 14.58 -18.10 14.12
N THR A 38 15.07 -17.49 13.03
CA THR A 38 15.81 -18.19 11.99
C THR A 38 16.73 -17.24 11.29
N PRO A 39 17.61 -17.79 10.48
CA PRO A 39 18.33 -17.03 9.47
C PRO A 39 17.36 -16.29 8.59
N ILE A 40 17.72 -15.06 8.22
CA ILE A 40 16.97 -14.30 7.23
C ILE A 40 17.84 -14.02 6.01
N TRP A 41 17.34 -14.33 4.83
CA TRP A 41 18.02 -14.05 3.59
C TRP A 41 17.41 -12.77 2.97
N LEU A 42 18.26 -11.83 2.65
CA LEU A 42 17.87 -10.63 2.03
C LEU A 42 17.99 -10.78 0.50
N VAL A 43 16.91 -10.51 -0.25
CA VAL A 43 16.90 -10.70 -1.70
C VAL A 43 16.55 -9.34 -2.34
N THR A 44 17.44 -8.87 -3.19
CA THR A 44 17.43 -7.51 -3.69
C THR A 44 17.38 -7.31 -5.15
N ARG A 45 17.76 -8.28 -5.97
CA ARG A 45 17.64 -8.11 -7.44
C ARG A 45 16.19 -8.21 -7.92
N TYR A 46 15.87 -7.47 -8.98
CA TYR A 46 14.52 -7.53 -9.53
C TYR A 46 14.09 -8.96 -9.84
N ASP A 47 14.93 -9.70 -10.57
CA ASP A 47 14.48 -11.03 -10.99
C ASP A 47 14.32 -11.97 -9.82
N ASP A 48 15.20 -11.85 -8.84
CA ASP A 48 15.15 -12.68 -7.65
C ASP A 48 13.99 -12.35 -6.71
N VAL A 49 13.67 -11.08 -6.59
CA VAL A 49 12.49 -10.66 -5.84
C VAL A 49 11.20 -11.26 -6.47
N LYS A 50 11.07 -11.23 -7.80
CA LYS A 50 9.94 -11.90 -8.46
C LYS A 50 9.96 -13.40 -8.31
N THR A 51 11.13 -14.02 -8.39
CA THR A 51 11.22 -15.43 -8.08
C THR A 51 10.72 -15.78 -6.69
N VAL A 52 11.20 -15.07 -5.70
CA VAL A 52 10.82 -15.30 -4.30
C VAL A 52 9.31 -15.10 -4.09
N LEU A 53 8.75 -14.01 -4.63
CA LEU A 53 7.36 -13.69 -4.37
C LEU A 53 6.42 -14.59 -5.20
N GLY A 54 6.89 -15.13 -6.30
CA GLY A 54 6.10 -16.09 -7.07
C GLY A 54 6.26 -17.55 -6.65
N GLU A 55 7.15 -17.87 -5.71
CA GLU A 55 7.45 -19.27 -5.41
C GLU A 55 6.47 -19.89 -4.37
N HIS A 56 5.78 -20.97 -4.72
CA HIS A 56 4.75 -21.50 -3.78
C HIS A 56 5.35 -22.24 -2.59
N ARG A 57 6.63 -22.56 -2.66
CA ARG A 57 7.32 -23.10 -1.52
C ARG A 57 7.61 -22.09 -0.41
N PHE A 58 7.49 -20.80 -0.67
CA PHE A 58 7.58 -19.80 0.38
C PHE A 58 6.21 -19.53 0.94
N VAL A 59 6.07 -19.47 2.24
CA VAL A 59 4.80 -19.30 2.91
C VAL A 59 4.92 -18.13 3.83
N ASN A 60 3.81 -17.49 4.13
CA ASN A 60 3.79 -16.32 4.97
C ASN A 60 3.63 -16.62 6.45
N ASN A 61 3.06 -17.78 6.75
CA ASN A 61 2.79 -18.18 8.14
C ASN A 61 3.69 -19.34 8.47
N PRO A 62 4.55 -19.20 9.50
CA PRO A 62 5.49 -20.30 9.81
C PRO A 62 4.81 -21.64 10.13
N ALA A 63 3.59 -21.55 10.65
CA ALA A 63 2.68 -22.73 10.79
C ALA A 63 2.50 -23.62 9.56
N SER A 64 2.66 -23.07 8.34
CA SER A 64 2.41 -23.83 7.13
C SER A 64 3.66 -24.64 6.73
N ILE A 83 -5.00 -6.19 22.84
CA ILE A 83 -6.03 -6.96 22.14
C ILE A 83 -6.62 -8.07 23.03
N PRO A 84 -7.90 -8.00 23.39
CA PRO A 84 -8.54 -9.11 24.07
C PRO A 84 -8.54 -10.35 23.23
N ASP A 85 -8.61 -11.50 23.88
CA ASP A 85 -8.57 -12.78 23.19
C ASP A 85 -9.73 -12.97 22.19
N ASP A 86 -10.86 -12.35 22.47
CA ASP A 86 -12.07 -12.35 21.62
C ASP A 86 -11.89 -11.59 20.27
N TYR A 87 -10.88 -10.71 20.19
CA TYR A 87 -10.58 -9.97 18.97
C TYR A 87 -9.40 -10.51 18.18
N VAL A 88 -8.70 -11.51 18.69
CA VAL A 88 -7.42 -11.88 18.09
C VAL A 88 -7.52 -12.35 16.60
N VAL A 89 -8.46 -13.17 16.33
CA VAL A 89 -8.72 -13.65 14.94
C VAL A 89 -8.75 -12.59 13.85
N TYR A 90 -9.33 -11.43 14.17
CA TYR A 90 -9.55 -10.43 13.20
C TYR A 90 -8.21 -9.88 12.82
N LEU A 91 -7.23 -10.02 13.70
CA LEU A 91 -5.91 -9.53 13.37
C LEU A 91 -4.96 -10.62 12.87
N THR A 92 -5.34 -11.88 12.95
CA THR A 92 -4.40 -12.96 12.60
C THR A 92 -4.78 -13.86 11.43
N ASP A 93 -6.06 -13.96 11.11
CA ASP A 93 -6.47 -14.78 9.98
C ASP A 93 -6.73 -14.00 8.68
N GLY A 94 -6.11 -12.84 8.50
CA GLY A 94 -6.38 -12.04 7.32
C GLY A 94 -5.68 -12.64 6.12
N ILE A 95 -6.15 -12.27 4.96
CA ILE A 95 -5.70 -12.83 3.69
C ILE A 95 -4.18 -12.88 3.51
N LEU A 96 -3.49 -11.82 3.96
CA LEU A 96 -2.05 -11.75 3.84
C LEU A 96 -1.33 -12.74 4.78
N ASP A 97 -2.00 -13.19 5.80
CA ASP A 97 -1.41 -14.18 6.74
C ASP A 97 -1.63 -15.63 6.28
N LEU A 98 -2.40 -15.86 5.22
CA LEU A 98 -2.83 -17.23 4.83
C LEU A 98 -2.03 -17.76 3.67
N ASP A 99 -1.88 -19.08 3.58
CA ASP A 99 -1.23 -19.66 2.43
C ASP A 99 -2.08 -20.78 1.88
N GLY A 100 -1.60 -21.30 0.76
CA GLY A 100 -2.11 -22.52 0.17
C GLY A 100 -3.62 -22.41 -0.13
N ASP A 101 -4.35 -23.48 0.23
CA ASP A 101 -5.76 -23.59 -0.01
C ASP A 101 -6.60 -22.56 0.75
N ASP A 102 -6.20 -22.21 1.95
CA ASP A 102 -6.92 -21.19 2.71
C ASP A 102 -6.86 -19.84 2.02
N HIS A 103 -5.69 -19.49 1.51
CA HIS A 103 -5.52 -18.28 0.73
C HIS A 103 -6.33 -18.30 -0.59
N LEU A 104 -6.23 -19.40 -1.31
CA LEU A 104 -6.92 -19.61 -2.56
C LEU A 104 -8.39 -19.29 -2.38
N ARG A 105 -8.99 -19.91 -1.37
CA ARG A 105 -10.41 -19.68 -1.07
C ARG A 105 -10.79 -18.18 -0.82
N LEU A 106 -10.03 -17.52 0.05
CA LEU A 106 -10.37 -16.14 0.42
C LEU A 106 -10.14 -15.23 -0.75
N ARG A 107 -9.09 -15.48 -1.53
CA ARG A 107 -8.82 -14.68 -2.69
C ARG A 107 -9.94 -14.83 -3.73
N ARG A 108 -10.39 -16.07 -4.01
CA ARG A 108 -11.45 -16.35 -4.96
C ARG A 108 -12.76 -15.66 -4.54
N LEU A 109 -13.12 -15.85 -3.27
CA LEU A 109 -14.33 -15.22 -2.69
C LEU A 109 -14.30 -13.68 -2.75
N VAL A 110 -13.17 -13.05 -2.33
CA VAL A 110 -13.11 -11.60 -2.33
C VAL A 110 -13.15 -11.07 -3.77
N SER A 111 -12.63 -11.84 -4.76
CA SER A 111 -12.60 -11.41 -6.16
C SER A 111 -13.97 -11.39 -6.79
N ARG A 112 -14.93 -12.15 -6.23
CA ARG A 112 -16.31 -12.07 -6.69
C ARG A 112 -16.96 -10.78 -6.30
N ALA A 113 -16.50 -10.12 -5.23
CA ALA A 113 -17.11 -8.85 -4.82
C ALA A 113 -16.27 -7.60 -5.23
N PHE A 114 -14.97 -7.71 -5.13
CA PHE A 114 -14.08 -6.57 -5.39
C PHE A 114 -13.68 -6.66 -6.84
N THR A 115 -14.60 -6.21 -7.69
CA THR A 115 -14.54 -6.43 -9.12
C THR A 115 -14.09 -5.21 -9.93
N ALA A 116 -13.74 -5.50 -11.17
CA ALA A 116 -13.47 -4.44 -12.11
C ALA A 116 -14.59 -3.47 -12.24
N ARG A 117 -15.83 -3.95 -12.35
CA ARG A 117 -16.93 -3.03 -12.37
C ARG A 117 -16.87 -2.06 -11.18
N ARG A 118 -16.60 -2.57 -9.99
CA ARG A 118 -16.61 -1.68 -8.79
C ARG A 118 -15.55 -0.62 -8.87
N VAL A 119 -14.37 -1.03 -9.25
CA VAL A 119 -13.30 -0.07 -9.39
C VAL A 119 -13.65 0.99 -10.42
N MET A 120 -14.16 0.63 -11.61
CA MET A 120 -14.54 1.64 -12.64
C MET A 120 -15.58 2.58 -12.11
N GLU A 121 -16.56 2.04 -11.42
CA GLU A 121 -17.61 2.88 -10.87
C GLU A 121 -17.13 3.76 -9.75
N MET A 122 -16.01 3.47 -9.13
CA MET A 122 -15.50 4.28 -8.01
C MET A 122 -14.94 5.59 -8.56
N ARG A 123 -14.51 5.64 -9.82
CA ARG A 123 -13.73 6.81 -10.27
C ARG A 123 -14.41 8.14 -10.05
N PRO A 124 -15.68 8.24 -10.40
CA PRO A 124 -16.29 9.54 -10.23
C PRO A 124 -16.53 9.84 -8.75
N ARG A 125 -16.64 8.78 -7.95
CA ARG A 125 -16.82 8.96 -6.50
C ARG A 125 -15.54 9.44 -5.82
N VAL A 126 -14.42 8.87 -6.24
CA VAL A 126 -13.14 9.32 -5.79
C VAL A 126 -12.88 10.74 -6.27
N GLU A 127 -13.30 11.11 -7.48
CA GLU A 127 -13.17 12.48 -7.94
C GLU A 127 -13.94 13.44 -7.06
N GLU A 128 -15.17 13.11 -6.71
CA GLU A 128 -15.99 14.00 -5.87
C GLU A 128 -15.41 14.16 -4.45
N ILE A 129 -15.00 13.04 -3.85
CA ILE A 129 -14.41 13.04 -2.53
C ILE A 129 -13.14 13.89 -2.53
N SER A 130 -12.23 13.61 -3.45
CA SER A 130 -10.98 14.35 -3.53
C SER A 130 -11.27 15.82 -3.75
N GLY A 131 -12.16 16.11 -4.70
CA GLY A 131 -12.46 17.52 -4.93
C GLY A 131 -12.99 18.33 -3.79
N ARG A 132 -13.89 17.73 -3.04
CA ARG A 132 -14.45 18.38 -1.86
C ARG A 132 -13.34 18.67 -0.80
N LEU A 133 -12.40 17.72 -0.65
CA LEU A 133 -11.27 17.94 0.22
C LEU A 133 -10.39 19.11 -0.30
N LEU A 134 -10.01 19.04 -1.57
CA LEU A 134 -9.17 20.06 -2.16
C LEU A 134 -9.83 21.40 -2.16
N ASP A 135 -11.15 21.42 -2.45
CA ASP A 135 -11.85 22.66 -2.50
C ASP A 135 -11.93 23.34 -1.11
N ALA A 136 -11.83 22.63 0.01
CA ALA A 136 -11.85 23.24 1.37
C ALA A 136 -10.45 23.74 1.86
N LEU A 137 -9.41 23.47 1.11
CA LEU A 137 -8.08 23.87 1.54
C LEU A 137 -7.82 25.39 1.34
N PRO A 138 -7.21 26.03 2.31
CA PRO A 138 -7.03 27.48 2.24
C PRO A 138 -5.78 27.90 1.45
N GLY A 139 -5.88 29.08 0.83
CA GLY A 139 -4.80 29.69 0.12
C GLY A 139 -3.93 30.63 0.91
N ASP A 140 -4.30 30.92 2.15
CA ASP A 140 -3.73 32.01 2.95
C ASP A 140 -2.82 31.53 4.07
N ARG A 141 -2.45 30.27 4.09
CA ARG A 141 -1.44 29.77 4.96
C ARG A 141 -0.75 28.60 4.31
N VAL A 142 0.35 28.17 4.89
CA VAL A 142 0.94 26.91 4.52
C VAL A 142 -0.02 25.73 4.90
N VAL A 143 -0.13 24.75 4.01
CA VAL A 143 -1.01 23.60 4.16
C VAL A 143 -0.18 22.37 4.29
N ASP A 144 -0.53 21.51 5.25
CA ASP A 144 0.15 20.24 5.39
C ASP A 144 -0.66 19.22 4.55
N LEU A 145 -0.18 18.89 3.37
CA LEU A 145 -0.93 17.98 2.54
C LEU A 145 -1.03 16.56 3.06
N VAL A 146 -0.13 16.15 3.93
CA VAL A 146 -0.26 14.81 4.53
C VAL A 146 -1.48 14.75 5.47
N GLU A 147 -1.51 15.62 6.48
CA GLU A 147 -2.64 15.63 7.47
C GLU A 147 -3.92 16.09 6.83
N GLU A 148 -3.83 17.06 5.93
CA GLU A 148 -5.05 17.70 5.43
C GLU A 148 -5.69 17.07 4.20
N TYR A 149 -4.99 16.12 3.56
CA TYR A 149 -5.52 15.58 2.33
C TYR A 149 -5.12 14.11 2.10
N ALA A 150 -3.81 13.83 2.15
CA ALA A 150 -3.28 12.49 1.83
C ALA A 150 -3.87 11.43 2.78
N TYR A 151 -3.99 11.77 4.07
CA TYR A 151 -4.60 10.84 5.05
C TYR A 151 -6.13 10.75 4.97
N PRO A 152 -6.84 11.87 4.99
CA PRO A 152 -8.32 11.71 4.92
C PRO A 152 -8.89 11.06 3.64
N LEU A 153 -8.28 11.33 2.47
CA LEU A 153 -8.80 10.82 1.24
C LEU A 153 -8.99 9.29 1.21
N PRO A 154 -7.92 8.51 1.44
CA PRO A 154 -8.04 7.11 1.14
C PRO A 154 -8.94 6.34 2.12
N ILE A 155 -9.01 6.79 3.35
CA ILE A 155 -9.98 6.26 4.32
C ILE A 155 -11.43 6.54 3.91
N THR A 156 -11.67 7.74 3.38
CA THR A 156 -12.96 8.11 2.90
C THR A 156 -13.33 7.31 1.69
N VAL A 157 -12.36 7.11 0.79
CA VAL A 157 -12.60 6.29 -0.35
C VAL A 157 -12.96 4.85 0.04
N ILE A 158 -12.27 4.27 1.00
CA ILE A 158 -12.62 2.92 1.40
C ILE A 158 -14.03 2.87 2.04
N CYS A 159 -14.40 3.92 2.81
CA CYS A 159 -15.73 4.10 3.34
C CYS A 159 -16.77 4.08 2.23
N GLU A 160 -16.50 4.80 1.16
CA GLU A 160 -17.39 4.87 0.04
C GLU A 160 -17.51 3.52 -0.66
N LEU A 161 -16.39 2.88 -0.86
CA LEU A 161 -16.35 1.57 -1.50
C LEU A 161 -17.14 0.55 -0.71
N VAL A 162 -16.80 0.43 0.59
CA VAL A 162 -17.44 -0.52 1.47
C VAL A 162 -18.91 -0.21 1.70
N GLY A 163 -19.24 1.09 1.79
CA GLY A 163 -20.61 1.52 2.05
C GLY A 163 -20.79 1.81 3.52
N ILE A 164 -19.81 2.44 4.12
CA ILE A 164 -19.95 2.88 5.53
C ILE A 164 -20.87 4.07 5.44
N PRO A 165 -21.89 4.15 6.29
CA PRO A 165 -22.82 5.28 6.22
C PRO A 165 -22.12 6.60 6.33
N GLU A 166 -22.51 7.55 5.49
CA GLU A 166 -21.91 8.83 5.40
C GLU A 166 -21.79 9.48 6.75
N SER A 167 -22.86 9.35 7.53
CA SER A 167 -22.88 9.93 8.91
C SER A 167 -21.75 9.48 9.85
N ASP A 168 -21.26 8.28 9.59
CA ASP A 168 -20.17 7.70 10.39
C ASP A 168 -18.75 7.83 9.78
N ARG A 169 -18.65 8.51 8.63
CA ARG A 169 -17.30 8.70 7.99
C ARG A 169 -16.37 9.61 8.85
N PRO A 170 -16.92 10.60 9.56
CA PRO A 170 -16.01 11.37 10.41
C PRO A 170 -15.46 10.46 11.47
N LEU A 171 -16.30 9.56 12.00
CA LEU A 171 -15.87 8.65 13.03
C LEU A 171 -14.74 7.72 12.48
N TRP A 172 -14.95 7.17 11.26
CA TRP A 172 -13.93 6.35 10.62
C TRP A 172 -12.62 7.11 10.38
N ARG A 173 -12.70 8.35 9.93
CA ARG A 173 -11.49 9.15 9.77
C ARG A 173 -10.74 9.38 11.14
N GLU A 174 -11.50 9.58 12.21
CA GLU A 174 -10.94 9.70 13.53
C GLU A 174 -10.27 8.44 14.06
N TRP A 175 -10.89 7.28 13.84
CA TRP A 175 -10.23 6.05 14.14
C TRP A 175 -8.95 5.84 13.32
N GLY A 176 -9.01 6.17 12.03
CA GLY A 176 -7.84 6.14 11.19
C GLY A 176 -6.74 7.09 11.69
N ALA A 177 -7.08 8.33 11.97
CA ALA A 177 -6.13 9.29 12.57
C ALA A 177 -5.53 8.76 13.93
N LYS A 178 -6.32 8.17 14.81
CA LYS A 178 -5.82 7.58 16.04
C LYS A 178 -4.93 6.36 15.80
N MET A 179 -5.25 5.54 14.80
CA MET A 179 -4.34 4.44 14.48
C MET A 179 -2.92 4.80 14.11
N VAL A 180 -2.76 5.96 13.53
CA VAL A 180 -1.50 6.48 13.11
C VAL A 180 -0.81 7.30 14.17
N SER A 181 -1.54 7.84 15.13
CA SER A 181 -0.95 8.82 16.04
C SER A 181 -0.92 8.42 17.50
N LEU A 182 -1.64 7.35 17.89
CA LEU A 182 -1.61 6.89 19.31
C LEU A 182 -0.33 6.15 19.58
N SER A 183 -0.02 5.97 20.86
CA SER A 183 1.11 5.14 21.21
C SER A 183 0.77 3.68 20.88
N PRO A 184 1.79 2.80 20.73
CA PRO A 184 1.48 1.36 20.48
C PRO A 184 0.74 0.67 21.60
N GLY A 185 0.89 1.09 22.84
CA GLY A 185 0.05 0.58 23.91
C GLY A 185 -1.44 0.94 23.78
N ALA A 186 -1.77 1.96 22.99
CA ALA A 186 -3.16 2.39 22.85
C ALA A 186 -3.74 2.16 21.44
N MET A 187 -2.93 1.81 20.46
CA MET A 187 -3.38 1.67 19.08
C MET A 187 -4.47 0.62 18.89
N ALA A 188 -4.54 -0.35 19.79
CA ALA A 188 -5.61 -1.36 19.83
C ALA A 188 -7.02 -0.81 19.95
N GLU A 189 -7.19 0.28 20.72
CA GLU A 189 -8.49 0.80 20.97
C GLU A 189 -9.29 1.11 19.68
N PRO A 190 -8.74 1.92 18.79
CA PRO A 190 -9.57 2.20 17.59
C PRO A 190 -9.76 0.97 16.72
N VAL A 191 -8.81 0.05 16.72
CA VAL A 191 -8.95 -1.21 15.97
C VAL A 191 -10.14 -2.04 16.47
N ILE A 192 -10.20 -2.23 17.77
CA ILE A 192 -11.30 -2.90 18.40
C ILE A 192 -12.63 -2.16 18.13
N SER A 193 -12.62 -0.84 18.26
CA SER A 193 -13.85 -0.10 18.00
C SER A 193 -14.34 -0.30 16.53
N MET A 194 -13.39 -0.35 15.63
CA MET A 194 -13.70 -0.57 14.23
C MET A 194 -14.27 -1.92 14.04
N VAL A 195 -13.64 -2.92 14.66
CA VAL A 195 -14.24 -4.25 14.65
C VAL A 195 -15.68 -4.30 15.12
N ASP A 196 -15.93 -3.68 16.27
CA ASP A 196 -17.27 -3.62 16.81
C ASP A 196 -18.26 -2.96 15.83
N TYR A 197 -17.83 -1.85 15.25
CA TYR A 197 -18.61 -1.20 14.22
C TYR A 197 -18.96 -2.14 13.04
N ILE A 198 -17.94 -2.82 12.50
CA ILE A 198 -18.16 -3.66 11.36
C ILE A 198 -19.08 -4.82 11.75
N HIS A 199 -18.85 -5.42 12.91
CA HIS A 199 -19.71 -6.49 13.43
C HIS A 199 -21.18 -6.12 13.48
N ASP A 200 -21.45 -4.91 13.95
CA ASP A 200 -22.80 -4.37 14.01
C ASP A 200 -23.37 -4.05 12.60
N LEU A 201 -22.56 -3.56 11.71
CA LEU A 201 -23.01 -3.12 10.42
C LEU A 201 -23.37 -4.36 9.49
N ILE A 202 -22.67 -5.46 9.64
CA ILE A 202 -22.87 -6.54 8.70
C ILE A 202 -24.35 -7.03 8.65
N PRO A 203 -24.96 -7.34 9.82
CA PRO A 203 -26.35 -7.79 9.73
C PRO A 203 -27.28 -6.71 9.23
N ARG A 204 -26.95 -5.44 9.48
CA ARG A 204 -27.76 -4.36 8.93
C ARG A 204 -27.72 -4.35 7.44
N ARG A 205 -26.53 -4.51 6.86
CA ARG A 205 -26.38 -4.42 5.42
C ARG A 205 -26.96 -5.67 4.77
N ARG A 206 -26.84 -6.78 5.43
CA ARG A 206 -27.43 -7.99 4.89
C ARG A 206 -28.97 -7.91 4.85
N ALA A 207 -29.61 -7.25 5.83
CA ALA A 207 -31.09 -7.04 5.88
C ALA A 207 -31.55 -5.94 4.93
N ALA A 208 -30.60 -5.05 4.57
CA ALA A 208 -30.83 -3.87 3.76
C ALA A 208 -29.80 -3.70 2.67
N PRO A 209 -29.73 -4.67 1.76
CA PRO A 209 -28.64 -4.65 0.81
C PRO A 209 -28.67 -3.47 -0.20
N ALA A 210 -27.50 -3.09 -0.65
CA ALA A 210 -27.37 -1.92 -1.57
C ALA A 210 -26.24 -2.24 -2.58
N ASP A 211 -25.93 -1.35 -3.52
CA ASP A 211 -24.84 -1.64 -4.44
C ASP A 211 -23.55 -1.04 -3.83
N ASP A 212 -22.91 -1.82 -2.95
CA ASP A 212 -21.67 -1.46 -2.31
C ASP A 212 -20.87 -2.71 -2.05
N LEU A 213 -19.62 -2.52 -1.71
CA LEU A 213 -18.73 -3.68 -1.59
C LEU A 213 -19.07 -4.51 -0.37
N LEU A 214 -19.60 -3.89 0.70
CA LEU A 214 -20.03 -4.72 1.84
C LEU A 214 -21.16 -5.68 1.42
N THR A 215 -22.15 -5.17 0.65
CA THR A 215 -23.18 -6.08 0.11
C THR A 215 -22.53 -7.16 -0.76
N GLY A 216 -21.59 -6.75 -1.58
CA GLY A 216 -20.93 -7.64 -2.46
C GLY A 216 -20.31 -8.77 -1.68
N LEU A 217 -19.60 -8.44 -0.62
CA LEU A 217 -18.96 -9.40 0.26
C LEU A 217 -19.95 -10.33 0.94
N ILE A 218 -21.01 -9.75 1.46
CA ILE A 218 -22.05 -10.51 2.13
C ILE A 218 -22.65 -11.53 1.19
N LYS A 219 -22.92 -11.10 -0.06
CA LYS A 219 -23.64 -11.94 -1.00
C LYS A 219 -22.74 -12.82 -1.86
N ALA A 220 -21.42 -12.66 -1.78
CA ALA A 220 -20.53 -13.41 -2.62
C ALA A 220 -20.59 -14.88 -2.30
N HIS A 221 -20.68 -15.72 -3.32
CA HIS A 221 -20.55 -17.11 -2.99
C HIS A 221 -20.03 -17.89 -4.19
N ASP A 222 -19.24 -18.90 -3.92
CA ASP A 222 -18.75 -19.80 -4.97
C ASP A 222 -19.91 -20.56 -5.56
N ASP A 223 -19.65 -21.15 -6.73
CA ASP A 223 -20.67 -21.94 -7.43
C ASP A 223 -21.09 -23.16 -6.64
N ASP A 224 -20.24 -23.68 -5.76
CA ASP A 224 -20.62 -24.78 -4.86
C ASP A 224 -21.26 -24.32 -3.55
N GLY A 225 -21.47 -23.01 -3.37
CA GLY A 225 -22.09 -22.58 -2.15
C GLY A 225 -21.17 -22.04 -1.11
N ASP A 226 -19.86 -22.24 -1.25
CA ASP A 226 -18.94 -21.77 -0.19
C ASP A 226 -19.04 -20.23 -0.16
N ARG A 227 -18.88 -19.67 1.03
CA ARG A 227 -19.06 -18.20 1.20
C ARG A 227 -18.37 -17.75 2.48
N PHE A 228 -18.26 -16.44 2.71
CA PHE A 228 -17.60 -15.94 3.90
C PHE A 228 -18.43 -16.16 5.18
N THR A 229 -17.78 -16.59 6.27
CA THR A 229 -18.42 -16.48 7.57
C THR A 229 -18.49 -14.99 8.01
N ASP A 230 -19.29 -14.66 9.03
CA ASP A 230 -19.28 -13.29 9.55
C ASP A 230 -17.93 -12.85 10.09
N THR A 231 -17.24 -13.78 10.78
CA THR A 231 -15.89 -13.53 11.24
C THR A 231 -14.98 -13.14 10.09
N GLU A 232 -15.06 -13.94 9.00
CA GLU A 232 -14.25 -13.63 7.82
C GLU A 232 -14.62 -12.32 7.17
N LEU A 233 -15.89 -11.99 7.18
CA LEU A 233 -16.33 -10.68 6.63
C LEU A 233 -15.74 -9.52 7.45
N ILE A 234 -15.73 -9.66 8.77
CA ILE A 234 -15.21 -8.56 9.62
C ILE A 234 -13.73 -8.43 9.36
N THR A 235 -13.02 -9.59 9.35
CA THR A 235 -11.60 -9.63 9.06
C THR A 235 -11.24 -9.00 7.71
N MET A 236 -12.03 -9.29 6.71
CA MET A 236 -11.78 -8.75 5.34
C MET A 236 -11.98 -7.24 5.28
N VAL A 237 -13.05 -6.75 5.88
CA VAL A 237 -13.26 -5.29 5.93
C VAL A 237 -12.11 -4.58 6.64
N LEU A 238 -11.72 -5.07 7.84
CA LEU A 238 -10.64 -4.50 8.56
C LEU A 238 -9.35 -4.53 7.76
N THR A 239 -9.07 -5.67 7.12
CA THR A 239 -7.97 -5.78 6.21
C THR A 239 -7.92 -4.74 5.11
N LEU A 240 -9.03 -4.47 4.49
CA LEU A 240 -9.02 -3.50 3.39
C LEU A 240 -8.69 -2.18 3.96
N VAL A 241 -9.21 -1.84 5.17
CA VAL A 241 -8.89 -0.53 5.73
C VAL A 241 -7.48 -0.41 6.09
N LEU A 242 -6.97 -1.39 6.80
CA LEU A 242 -5.59 -1.36 7.21
C LEU A 242 -4.60 -1.42 6.06
N ALA A 243 -4.93 -2.18 5.03
CA ALA A 243 -4.02 -2.34 3.89
C ALA A 243 -4.00 -1.16 2.96
N GLY A 244 -5.09 -0.42 2.97
CA GLY A 244 -5.35 0.59 1.95
C GLY A 244 -5.28 2.05 2.42
N HIS A 245 -5.20 2.28 3.71
CA HIS A 245 -5.28 3.67 4.20
C HIS A 245 -3.88 4.37 4.17
N GLU A 246 -2.92 3.89 4.93
CA GLU A 246 -1.65 4.57 5.07
C GLU A 246 -0.76 4.39 3.84
N THR A 247 -0.78 3.22 3.21
CA THR A 247 -0.14 2.98 1.96
C THR A 247 -0.54 4.02 0.91
N THR A 248 -1.84 4.17 0.69
CA THR A 248 -2.32 5.07 -0.35
C THR A 248 -1.99 6.53 0.02
N ALA A 249 -2.18 6.86 1.30
CA ALA A 249 -1.79 8.18 1.82
C ALA A 249 -0.37 8.54 1.43
N HIS A 250 0.55 7.60 1.61
CA HIS A 250 1.97 7.90 1.35
C HIS A 250 2.36 7.84 -0.12
N LEU A 251 1.61 7.09 -0.92
CA LEU A 251 1.75 7.24 -2.38
C LEU A 251 1.40 8.69 -2.73
N ILE A 252 0.30 9.21 -2.22
CA ILE A 252 -0.10 10.58 -2.54
C ILE A 252 0.94 11.57 -2.03
N GLY A 253 1.37 11.40 -0.76
CA GLY A 253 2.31 12.39 -0.21
C GLY A 253 3.68 12.33 -0.93
N ASN A 254 4.22 11.13 -1.05
CA ASN A 254 5.52 10.91 -1.68
C ASN A 254 5.48 11.36 -3.12
N GLY A 255 4.44 10.98 -3.87
CA GLY A 255 4.35 11.33 -5.30
C GLY A 255 4.21 12.85 -5.46
N THR A 256 3.44 13.48 -4.58
CA THR A 256 3.28 14.94 -4.67
C THR A 256 4.60 15.62 -4.41
N ALA A 257 5.34 15.18 -3.39
CA ALA A 257 6.62 15.76 -3.05
C ALA A 257 7.62 15.58 -4.21
N ALA A 258 7.60 14.41 -4.85
CA ALA A 258 8.42 14.11 -6.01
C ALA A 258 8.13 15.06 -7.16
N LEU A 259 6.86 15.23 -7.48
CA LEU A 259 6.49 16.17 -8.53
C LEU A 259 6.95 17.61 -8.18
N LEU A 260 6.75 18.03 -6.95
CA LEU A 260 7.06 19.39 -6.60
C LEU A 260 8.57 19.68 -6.48
N THR A 261 9.40 18.63 -6.51
CA THR A 261 10.83 18.81 -6.51
C THR A 261 11.46 18.54 -7.86
N HIS A 262 10.63 18.18 -8.84
CA HIS A 262 11.03 17.84 -10.20
C HIS A 262 10.29 18.73 -11.23
N PRO A 263 10.67 19.99 -11.34
CA PRO A 263 9.86 20.93 -12.13
C PRO A 263 9.72 20.57 -13.60
N GLY A 264 10.74 20.02 -14.20
CA GLY A 264 10.67 19.58 -15.57
C GLY A 264 9.64 18.46 -15.75
N GLN A 265 9.64 17.47 -14.86
CA GLN A 265 8.62 16.39 -14.95
C GLN A 265 7.21 16.89 -14.65
N LEU A 266 7.09 17.76 -13.65
CA LEU A 266 5.80 18.31 -13.32
C LEU A 266 5.25 19.09 -14.52
N ALA A 267 6.10 19.91 -15.17
CA ALA A 267 5.61 20.71 -16.32
C ALA A 267 5.11 19.80 -17.49
N MET A 268 5.81 18.70 -17.70
CA MET A 268 5.44 17.72 -18.73
C MET A 268 4.11 17.10 -18.44
N LEU A 269 3.91 16.76 -17.16
CA LEU A 269 2.67 16.17 -16.73
C LEU A 269 1.50 17.12 -16.87
N ARG A 270 1.71 18.39 -16.59
CA ARG A 270 0.62 19.37 -16.75
C ARG A 270 0.33 19.58 -18.21
N ALA A 271 1.36 19.58 -19.07
CA ALA A 271 1.23 19.73 -20.52
C ALA A 271 0.63 18.50 -21.23
N ARG A 272 0.84 17.32 -20.68
CA ARG A 272 0.36 16.04 -21.25
C ARG A 272 -0.38 15.21 -20.17
N PRO A 273 -1.59 15.60 -19.82
CA PRO A 273 -2.26 14.94 -18.73
C PRO A 273 -2.66 13.49 -19.00
N GLU A 274 -2.68 13.08 -20.26
CA GLU A 274 -2.80 11.67 -20.59
C GLU A 274 -1.66 10.83 -20.11
N LEU A 275 -0.55 11.45 -19.68
CA LEU A 275 0.56 10.73 -19.09
C LEU A 275 0.23 10.21 -17.69
N MET A 276 -0.89 10.63 -17.09
CA MET A 276 -1.13 10.32 -15.69
C MET A 276 -1.00 8.84 -15.29
N PRO A 277 -1.63 7.91 -16.02
CA PRO A 277 -1.44 6.52 -15.61
C PRO A 277 0.06 6.06 -15.63
N ARG A 278 0.80 6.47 -16.64
CA ARG A 278 2.23 6.15 -16.73
C ARG A 278 3.04 6.86 -15.64
N ALA A 279 2.63 8.08 -15.36
CA ALA A 279 3.21 8.89 -14.28
C ALA A 279 3.05 8.23 -12.90
N VAL A 280 1.86 7.69 -12.64
CA VAL A 280 1.65 6.98 -11.41
C VAL A 280 2.55 5.71 -11.25
N HIS A 281 2.72 4.94 -12.35
CA HIS A 281 3.63 3.82 -12.40
C HIS A 281 5.04 4.28 -12.02
N GLU A 282 5.49 5.38 -12.57
CA GLU A 282 6.83 5.82 -12.28
C GLU A 282 6.96 6.34 -10.86
N LEU A 283 5.97 7.08 -10.39
CA LEU A 283 6.00 7.51 -8.98
C LEU A 283 6.00 6.31 -8.01
N MET A 284 5.27 5.23 -8.33
CA MET A 284 5.27 4.01 -7.52
C MET A 284 6.69 3.45 -7.56
N ARG A 285 7.28 3.29 -8.77
CA ARG A 285 8.67 2.74 -8.83
C ARG A 285 9.68 3.56 -8.05
N TRP A 286 9.60 4.87 -8.25
CA TRP A 286 10.61 5.75 -7.74
C TRP A 286 10.50 6.10 -6.21
N CYS A 287 9.29 6.21 -5.72
CA CYS A 287 9.04 6.58 -4.31
C CYS A 287 7.79 6.01 -3.69
N GLY A 288 7.32 4.89 -4.19
CA GLY A 288 6.25 4.13 -3.58
C GLY A 288 6.51 3.88 -2.10
N PRO A 289 5.44 3.87 -1.29
CA PRO A 289 5.65 3.83 0.13
C PRO A 289 6.05 2.47 0.72
N VAL A 290 5.78 1.36 0.04
CA VAL A 290 6.15 0.06 0.51
C VAL A 290 7.45 -0.37 -0.12
N GLN A 291 8.46 -0.55 0.72
CA GLN A 291 9.80 -0.89 0.25
C GLN A 291 10.24 -2.32 0.50
N GLY A 292 9.47 -3.03 1.29
CA GLY A 292 9.72 -4.48 1.47
C GLY A 292 8.43 -5.19 1.79
N THR A 293 8.41 -6.46 1.54
CA THR A 293 7.27 -7.27 1.87
C THR A 293 7.49 -8.00 3.16
N ARG A 294 6.42 -8.50 3.74
CA ARG A 294 6.66 -9.36 4.87
C ARG A 294 7.46 -10.60 4.55
N VAL A 295 8.05 -11.09 5.61
CA VAL A 295 8.94 -12.21 5.56
C VAL A 295 8.23 -13.43 4.98
N ARG A 296 8.93 -14.17 4.14
CA ARG A 296 8.51 -15.47 3.68
C ARG A 296 9.35 -16.55 4.37
N TYR A 297 8.78 -17.73 4.53
CA TYR A 297 9.47 -18.89 5.13
C TYR A 297 9.52 -20.07 4.22
N ALA A 298 10.68 -20.71 4.13
CA ALA A 298 10.89 -21.81 3.22
C ALA A 298 10.15 -23.03 3.77
N ALA A 299 9.12 -23.47 3.04
CA ALA A 299 8.36 -24.66 3.41
C ALA A 299 9.22 -25.94 3.15
N GLU A 300 10.12 -25.85 2.19
CA GLU A 300 11.11 -26.90 1.93
C GLU A 300 12.31 -26.21 1.29
N ASP A 301 13.43 -26.91 1.18
CA ASP A 301 14.63 -26.34 0.53
C ASP A 301 14.36 -25.82 -0.90
N VAL A 302 14.89 -24.63 -1.21
CA VAL A 302 14.64 -23.95 -2.50
C VAL A 302 15.95 -23.38 -3.03
N GLU A 303 16.35 -23.77 -4.25
CA GLU A 303 17.53 -23.18 -4.88
C GLU A 303 17.17 -21.80 -5.40
N LEU A 304 17.99 -20.81 -5.10
CA LEU A 304 17.68 -19.41 -5.43
C LEU A 304 18.97 -18.63 -5.73
N GLY A 305 19.11 -18.18 -6.98
CA GLY A 305 20.27 -17.43 -7.45
C GLY A 305 21.63 -18.01 -7.12
N GLY A 306 21.76 -19.33 -7.18
CA GLY A 306 23.03 -20.02 -6.90
C GLY A 306 23.34 -20.36 -5.44
N MET A 307 22.33 -20.38 -4.58
CA MET A 307 22.43 -20.96 -3.22
C MET A 307 21.18 -21.80 -2.92
N THR A 308 21.03 -22.23 -1.66
CA THR A 308 19.90 -23.02 -1.23
C THR A 308 19.35 -22.43 0.04
N VAL A 309 18.11 -21.97 0.01
CA VAL A 309 17.45 -21.54 1.24
C VAL A 309 16.94 -22.79 1.92
N LYS A 310 17.26 -22.98 3.20
CA LYS A 310 16.91 -24.23 3.90
C LYS A 310 15.50 -24.19 4.46
N ARG A 311 14.85 -25.37 4.52
CA ARG A 311 13.51 -25.48 5.08
C ARG A 311 13.55 -24.76 6.38
N GLY A 312 12.54 -23.91 6.62
CA GLY A 312 12.43 -23.15 7.86
C GLY A 312 13.17 -21.81 7.88
N GLU A 313 14.08 -21.57 6.99
CA GLU A 313 14.72 -20.21 7.02
C GLU A 313 13.78 -19.13 6.38
N ALA A 314 14.01 -17.87 6.72
CA ALA A 314 13.22 -16.72 6.25
C ALA A 314 13.88 -16.00 5.06
N VAL A 315 13.07 -15.29 4.26
CA VAL A 315 13.55 -14.55 3.10
C VAL A 315 12.79 -13.23 3.07
N MET A 316 13.51 -12.12 2.94
CA MET A 316 12.92 -10.84 2.86
C MET A 316 13.16 -10.25 1.48
N ALA A 317 12.11 -10.10 0.71
CA ALA A 317 12.20 -9.44 -0.61
C ALA A 317 12.19 -7.95 -0.47
N VAL A 318 13.17 -7.34 -1.08
CA VAL A 318 13.34 -5.90 -0.99
C VAL A 318 12.82 -5.25 -2.32
N LEU A 319 11.65 -4.66 -2.23
CA LEU A 319 11.04 -3.99 -3.39
C LEU A 319 11.83 -2.78 -3.90
N VAL A 320 12.32 -1.92 -3.00
CA VAL A 320 12.98 -0.64 -3.43
C VAL A 320 14.23 -0.95 -4.33
N SER A 321 15.06 -1.90 -3.90
CA SER A 321 16.24 -2.29 -4.70
C SER A 321 15.83 -2.96 -6.03
N ALA A 322 14.76 -3.78 -6.04
CA ALA A 322 14.24 -4.38 -7.27
C ALA A 322 13.81 -3.26 -8.23
N ASN A 323 13.13 -2.27 -7.67
CA ASN A 323 12.59 -1.14 -8.48
C ASN A 323 13.65 -0.16 -8.96
N TYR A 324 14.84 -0.25 -8.33
CA TYR A 324 16.00 0.53 -8.78
C TYR A 324 17.08 -0.31 -9.49
N ASP A 325 16.75 -1.55 -9.83
CA ASP A 325 17.70 -2.45 -10.42
C ASP A 325 17.99 -2.02 -11.86
N PRO A 326 19.28 -1.66 -12.14
CA PRO A 326 19.67 -1.24 -13.49
C PRO A 326 19.63 -2.33 -14.55
N ARG A 327 19.52 -3.59 -14.13
CA ARG A 327 19.24 -4.70 -15.02
C ARG A 327 17.87 -4.59 -15.65
N ARG A 328 16.93 -3.93 -14.99
CA ARG A 328 15.60 -3.81 -15.46
C ARG A 328 15.24 -2.37 -15.91
N PHE A 329 15.80 -1.35 -15.24
CA PHE A 329 15.43 0.06 -15.49
C PHE A 329 16.73 0.79 -15.79
N GLU A 330 16.84 1.39 -16.92
CA GLU A 330 18.01 2.15 -17.26
C GLU A 330 17.99 3.49 -16.52
N ARG A 331 19.15 3.92 -16.01
CA ARG A 331 19.26 5.13 -15.16
C ARG A 331 18.09 5.16 -14.12
N PRO A 332 18.04 4.13 -13.29
CA PRO A 332 16.90 3.94 -12.36
C PRO A 332 16.77 5.05 -11.34
N ASP A 333 17.87 5.78 -11.05
CA ASP A 333 17.82 6.92 -10.16
C ASP A 333 17.04 8.11 -10.77
N ARG A 334 16.80 8.12 -12.08
CA ARG A 334 16.08 9.23 -12.66
C ARG A 334 14.57 9.06 -12.54
N LEU A 335 13.87 10.13 -12.17
CA LEU A 335 12.42 10.14 -12.18
C LEU A 335 12.03 10.56 -13.57
N ASP A 336 11.53 9.61 -14.36
CA ASP A 336 11.13 9.82 -15.73
C ASP A 336 9.67 9.36 -15.85
N LEU A 337 8.77 10.32 -15.79
CA LEU A 337 7.33 9.97 -15.88
C LEU A 337 6.89 9.24 -17.17
N THR A 338 7.66 9.46 -18.25
CA THR A 338 7.44 8.80 -19.54
C THR A 338 8.13 7.45 -19.68
N ARG A 339 8.84 6.97 -18.64
CA ARG A 339 9.64 5.78 -18.76
C ARG A 339 8.92 4.57 -19.34
N GLU A 340 7.73 4.24 -18.87
CA GLU A 340 7.02 3.08 -19.43
C GLU A 340 6.04 3.64 -20.47
N GLU A 341 6.10 3.13 -21.71
CA GLU A 341 5.32 3.70 -22.83
C GLU A 341 3.81 3.48 -22.68
N ASP A 342 3.45 2.43 -21.98
CA ASP A 342 2.05 1.90 -21.99
C ASP A 342 1.54 1.86 -20.56
N GLY A 343 0.55 2.68 -20.26
CA GLY A 343 0.01 2.74 -18.91
C GLY A 343 -0.62 1.42 -18.49
N ARG A 344 -0.87 0.50 -19.42
CA ARG A 344 -1.39 -0.83 -19.07
C ARG A 344 -0.36 -1.80 -18.54
N ARG A 345 0.91 -1.56 -18.82
CA ARG A 345 1.93 -2.45 -18.34
C ARG A 345 2.48 -1.99 -17.00
N GLU A 346 2.67 -2.95 -16.10
CA GLU A 346 3.18 -2.68 -14.75
C GLU A 346 4.41 -3.52 -14.54
N VAL A 347 5.56 -2.84 -14.52
CA VAL A 347 6.85 -3.41 -14.46
C VAL A 347 7.46 -3.34 -13.07
N HIS A 348 7.16 -2.28 -12.32
CA HIS A 348 7.62 -2.21 -10.95
C HIS A 348 6.93 -3.23 -10.03
N VAL A 349 7.56 -3.54 -8.89
CA VAL A 349 7.02 -4.44 -7.87
C VAL A 349 6.55 -3.74 -6.61
N GLY A 350 6.16 -2.47 -6.73
CA GLY A 350 5.63 -1.72 -5.60
C GLY A 350 4.29 -2.15 -5.03
N PHE A 351 3.57 -2.97 -5.78
CA PHE A 351 2.37 -3.60 -5.32
C PHE A 351 2.59 -5.09 -5.05
N GLY A 352 3.83 -5.50 -5.00
CA GLY A 352 4.17 -6.93 -4.88
C GLY A 352 4.09 -7.75 -6.13
N HIS A 353 3.90 -9.06 -5.97
CA HIS A 353 3.98 -9.99 -7.07
C HIS A 353 3.52 -11.34 -6.60
N GLY A 354 2.93 -12.09 -7.51
CA GLY A 354 2.49 -13.46 -7.22
C GLY A 354 1.19 -13.55 -6.47
N LEU A 355 1.04 -14.60 -5.66
CA LEU A 355 -0.31 -14.91 -5.14
C LEU A 355 -0.85 -13.81 -4.19
N HIS A 356 0.04 -13.09 -3.51
CA HIS A 356 -0.37 -12.01 -2.60
C HIS A 356 -0.30 -10.61 -3.21
N TYR A 357 -0.16 -10.52 -4.52
CA TYR A 357 -0.16 -9.24 -5.21
C TYR A 357 -1.35 -8.39 -4.70
N CYS A 358 -1.07 -7.15 -4.44
CA CYS A 358 -2.03 -6.26 -3.87
C CYS A 358 -3.40 -6.32 -4.42
N LEU A 359 -4.34 -6.64 -3.58
CA LEU A 359 -5.75 -6.78 -4.03
C LEU A 359 -6.32 -5.44 -4.46
N GLY A 360 -5.85 -4.37 -3.81
CA GLY A 360 -6.32 -3.05 -4.06
C GLY A 360 -5.58 -2.21 -5.12
N ALA A 361 -4.67 -2.80 -5.91
CA ALA A 361 -3.74 -2.04 -6.73
C ALA A 361 -4.47 -1.15 -7.72
N ALA A 362 -5.55 -1.63 -8.34
CA ALA A 362 -6.26 -0.83 -9.35
C ALA A 362 -6.90 0.36 -8.68
N LEU A 363 -7.43 0.17 -7.46
CA LEU A 363 -8.06 1.25 -6.73
C LEU A 363 -7.00 2.25 -6.25
N ALA A 364 -5.88 1.77 -5.75
CA ALA A 364 -4.84 2.66 -5.32
C ALA A 364 -4.28 3.50 -6.45
N ARG A 365 -4.07 2.87 -7.59
CA ARG A 365 -3.58 3.63 -8.78
C ARG A 365 -4.60 4.65 -9.22
N GLN A 366 -5.87 4.32 -9.10
CA GLN A 366 -6.94 5.30 -9.43
C GLN A 366 -6.94 6.47 -8.46
N GLU A 367 -6.73 6.20 -7.17
CA GLU A 367 -6.69 7.26 -6.17
C GLU A 367 -5.49 8.18 -6.45
N GLY A 368 -4.36 7.59 -6.82
CA GLY A 368 -3.20 8.39 -7.22
C GLY A 368 -3.44 9.29 -8.42
N GLU A 369 -3.95 8.72 -9.48
CA GLU A 369 -4.24 9.46 -10.71
C GLU A 369 -5.18 10.61 -10.39
N VAL A 370 -6.24 10.30 -9.64
CA VAL A 370 -7.23 11.31 -9.26
C VAL A 370 -6.66 12.42 -8.39
N ALA A 371 -5.84 12.03 -7.41
CA ALA A 371 -5.23 12.97 -6.48
C ALA A 371 -4.26 13.92 -7.26
N PHE A 372 -3.37 13.33 -8.07
CA PHE A 372 -2.34 14.13 -8.73
C PHE A 372 -2.99 15.03 -9.74
N ALA A 373 -4.03 14.54 -10.40
CA ALA A 373 -4.72 15.34 -11.45
C ALA A 373 -5.46 16.53 -10.78
N GLY A 374 -6.10 16.24 -9.66
CA GLY A 374 -6.86 17.19 -8.85
C GLY A 374 -6.04 18.34 -8.35
N LEU A 375 -4.88 17.98 -7.78
CA LEU A 375 -3.94 18.94 -7.26
C LEU A 375 -3.44 19.81 -8.38
N LEU A 376 -3.01 19.20 -9.46
CA LEU A 376 -2.48 19.99 -10.56
C LEU A 376 -3.50 20.92 -11.22
N SER A 377 -4.72 20.41 -11.37
CA SER A 377 -5.75 21.14 -12.06
C SER A 377 -6.21 22.32 -11.18
N ARG A 378 -6.34 22.15 -9.89
CA ARG A 378 -6.88 23.23 -9.09
C ARG A 378 -5.84 24.26 -8.71
N PHE A 379 -4.56 23.83 -8.69
CA PHE A 379 -3.51 24.67 -8.09
C PHE A 379 -2.34 24.85 -9.02
N PRO A 380 -2.49 25.71 -10.03
CA PRO A 380 -1.32 25.97 -10.88
C PRO A 380 -0.05 26.43 -10.11
N LYS A 381 -0.23 27.11 -8.97
CA LYS A 381 0.89 27.64 -8.21
C LYS A 381 1.32 26.70 -7.06
N LEU A 382 0.81 25.46 -7.04
CA LEU A 382 1.17 24.51 -6.04
C LEU A 382 2.68 24.40 -5.94
N ARG A 383 3.22 24.61 -4.75
CA ARG A 383 4.66 24.54 -4.55
C ARG A 383 5.06 24.18 -3.13
N LEU A 384 6.22 23.49 -2.99
CA LEU A 384 6.74 23.14 -1.68
C LEU A 384 7.07 24.42 -0.88
N ALA A 385 6.78 24.38 0.41
CA ALA A 385 7.05 25.52 1.29
C ALA A 385 8.28 25.36 2.17
N VAL A 386 9.10 24.37 1.90
CA VAL A 386 10.42 24.17 2.52
C VAL A 386 11.28 23.50 1.48
N ALA A 387 12.59 23.62 1.59
CA ALA A 387 13.47 22.96 0.68
C ALA A 387 13.37 21.48 0.92
N PRO A 388 13.62 20.68 -0.09
CA PRO A 388 13.32 19.24 0.18
C PRO A 388 14.17 18.58 1.22
N GLU A 389 15.40 19.06 1.40
CA GLU A 389 16.30 18.56 2.43
C GLU A 389 15.69 18.76 3.83
N GLU A 390 14.77 19.72 3.98
CA GLU A 390 14.10 20.01 5.25
C GLU A 390 12.83 19.14 5.54
N LEU A 391 12.34 18.37 4.59
CA LEU A 391 11.16 17.51 4.80
C LEU A 391 11.55 16.47 5.88
N GLU A 392 10.61 16.04 6.68
CA GLU A 392 10.88 15.07 7.71
C GLU A 392 10.23 13.77 7.26
N ARG A 393 11.03 12.71 7.25
CA ARG A 393 10.62 11.35 6.93
C ARG A 393 10.25 10.71 8.25
N GLN A 394 9.11 10.04 8.27
CA GLN A 394 8.75 9.24 9.41
C GLN A 394 9.52 7.92 9.23
N LEU A 395 10.67 7.71 9.87
CA LEU A 395 11.44 6.48 9.57
C LEU A 395 10.73 5.22 10.13
N MET A 396 10.77 4.13 9.39
CA MET A 396 9.83 3.02 9.69
C MET A 396 10.21 1.83 8.83
N PRO A 397 10.27 0.62 9.42
CA PRO A 397 10.89 -0.48 8.65
C PRO A 397 10.10 -0.72 7.39
N ALA A 398 10.78 -0.88 6.26
CA ALA A 398 10.16 -1.29 4.99
C ALA A 398 9.27 -0.23 4.38
N SER A 399 9.35 1.02 4.86
CA SER A 399 8.42 2.08 4.43
C SER A 399 9.19 3.31 4.06
N TRP A 400 8.54 4.15 3.27
CA TRP A 400 9.11 5.46 2.90
C TRP A 400 7.93 6.40 3.02
N ARG A 401 7.98 7.24 4.06
CA ARG A 401 6.80 8.06 4.41
C ARG A 401 7.23 9.42 4.95
N LEU A 402 6.50 10.45 4.57
CA LEU A 402 6.70 11.78 5.15
C LEU A 402 5.90 11.96 6.41
N ALA A 403 6.47 12.75 7.32
CA ALA A 403 5.74 13.17 8.52
C ALA A 403 4.78 14.32 8.23
N SER A 404 5.15 15.17 7.28
CA SER A 404 4.28 16.25 6.81
C SER A 404 4.78 16.74 5.42
N LEU A 405 3.89 17.47 4.74
CA LEU A 405 4.17 17.96 3.40
C LEU A 405 3.69 19.37 3.32
N PRO A 406 4.54 20.33 3.72
CA PRO A 406 4.13 21.72 3.69
C PRO A 406 4.24 22.31 2.33
N VAL A 407 3.12 22.87 1.89
CA VAL A 407 2.97 23.48 0.56
C VAL A 407 2.24 24.80 0.62
N LEU A 408 2.36 25.57 -0.43
CA LEU A 408 1.54 26.72 -0.64
C LEU A 408 0.72 26.42 -1.89
N LEU A 409 -0.61 26.66 -1.83
CA LEU A 409 -1.56 26.30 -2.90
C LEU A 409 -1.77 27.41 -3.89
N ARG A 410 -1.56 28.67 -3.48
CA ARG A 410 -1.95 29.89 -4.28
C ARG A 410 -0.80 30.94 -4.22
C1 GOL B . -19.72 -7.46 -7.25
O1 GOL B . -20.31 -7.73 -5.94
C2 GOL B . -20.81 -7.66 -8.32
O2 GOL B . -21.72 -6.53 -8.32
C3 GOL B . -20.25 -7.80 -9.70
O3 GOL B . -19.59 -6.54 -10.10
C1 GOL C . 10.50 0.55 -18.06
O1 GOL C . 9.04 0.38 -18.02
C2 GOL C . 11.35 -0.54 -18.73
O2 GOL C . 12.59 -0.63 -18.03
C3 GOL C . 10.88 -1.98 -18.80
O3 GOL C . 9.55 -2.00 -19.28
C1 GOL D . 10.50 3.22 -3.70
O1 GOL D . 10.14 3.61 -2.38
C2 GOL D . 9.82 2.03 -4.36
O2 GOL D . 10.73 1.32 -5.19
C3 GOL D . 8.88 1.21 -3.52
O3 GOL D . 8.61 -0.11 -3.90
C1 GOL E . -28.13 -0.39 4.66
O1 GOL E . -28.62 -0.03 3.29
C2 GOL E . -28.34 0.56 5.90
O2 GOL E . -29.42 0.23 6.86
C3 GOL E . -27.13 0.61 6.76
O3 GOL E . -27.34 1.24 8.02
C1 GOL F . -15.03 14.70 3.44
O1 GOL F . -15.20 13.63 2.49
C2 GOL F . -15.06 15.94 2.60
O2 GOL F . -16.42 16.02 2.20
C3 GOL F . -14.61 17.18 3.37
O3 GOL F . -15.41 17.37 4.54
C1 MPD G . -24.83 -6.29 17.13
C2 MPD G . -25.51 -7.54 16.59
O2 MPD G . -24.63 -8.07 15.56
CM MPD G . -25.79 -8.58 17.69
C3 MPD G . -26.85 -7.13 15.93
C4 MPD G . -26.74 -5.96 14.93
O4 MPD G . -25.85 -6.30 13.91
C5 MPD G . -28.08 -5.65 14.30
C1 MPD H . -20.44 0.08 -7.31
C2 MPD H . -19.69 0.66 -6.11
O2 MPD H . -19.20 -0.38 -5.18
CM MPD H . -18.52 1.41 -6.68
C3 MPD H . -20.61 1.75 -5.45
C4 MPD H . -20.70 1.87 -3.93
O4 MPD H . -19.62 1.37 -3.14
C5 MPD H . -21.31 3.21 -3.48
CA CA I . 4.00 2.07 6.19
CHA HEM J . -1.15 -6.54 -0.54
CHB HEM J . -5.34 -4.26 -0.22
CHC HEM J . -3.12 -0.13 -1.44
CHD HEM J . 1.09 -2.47 -1.59
C1A HEM J . -2.46 -6.30 -0.26
C2A HEM J . -3.42 -7.24 0.19
C3A HEM J . -4.60 -6.55 0.29
C4A HEM J . -4.36 -5.24 -0.13
CMA HEM J . -5.93 -7.07 0.77
CAA HEM J . -3.18 -8.70 0.52
CBA HEM J . -3.65 -9.59 -0.60
CGA HEM J . -3.34 -11.07 -0.42
O1A HEM J . -2.69 -11.42 0.56
O2A HEM J . -3.70 -11.94 -1.25
C1B HEM J . -5.08 -2.94 -0.56
C2B HEM J . -6.10 -1.95 -0.63
C3B HEM J . -5.50 -0.80 -1.00
C4B HEM J . -4.09 -1.08 -1.10
CMB HEM J . -7.60 -2.07 -0.42
CAB HEM J . -6.32 0.35 -1.21
CBB HEM J . -6.22 1.05 -2.25
C1C HEM J . -1.76 -0.36 -1.52
C2C HEM J . -0.78 0.61 -1.86
C3C HEM J . 0.40 -0.10 -1.92
C4C HEM J . 0.14 -1.46 -1.60
CMC HEM J . -0.94 2.08 -2.20
CAC HEM J . 1.73 0.32 -2.21
CBC HEM J . 2.11 1.54 -2.32
C1D HEM J . 0.81 -3.78 -1.30
C2D HEM J . 1.84 -4.84 -1.37
C3D HEM J . 1.19 -5.98 -1.11
C4D HEM J . -0.20 -5.61 -0.89
CMD HEM J . 3.32 -4.68 -1.61
CAD HEM J . 1.85 -7.38 -0.98
CBD HEM J . 2.42 -7.70 0.38
CGD HEM J . 3.16 -9.03 0.46
O1D HEM J . 3.74 -9.22 1.56
O2D HEM J . 3.23 -9.85 -0.53
NA HEM J . -3.07 -5.11 -0.54
NB HEM J . -3.92 -2.38 -0.86
NC HEM J . -1.15 -1.57 -1.43
ND HEM J . -0.43 -4.31 -1.12
FE HEM J . -2.12 -3.38 -1.03
#